data_6SFT
#
_entry.id   6SFT
#
loop_
_entity.id
_entity.type
_entity.pdbx_description
1 polymer 'Two-component receiver protein CleD'
2 non-polymer "9,9'-[(2R,3R,3aS,5S,7aR,9R,10R,10aS,12S,14aR)-3,5,10,12-tetrahydroxy-5,12-dioxidooctahydro-2H,7H-difuro[3,2-d:3',2'-j][1,3,7,9,2,8]tetraoxadiphosphacyclododecine-2,9-diyl]bis(2-amino-1,9-dihydro-6H-purin-6-one)"
#
_entity_poly.entity_id   1
_entity_poly.type   'polypeptide(L)'
_entity_poly.pdbx_seq_one_letter_code
;SKPREWVEAVAYVGPDRRRFNSADYKGPRKRKADAS
;
_entity_poly.pdbx_strand_id   A
#
# COMPACT_ATOMS: atom_id res chain seq x y z
N SER A 1 19.96 -6.38 4.16
CA SER A 1 20.05 -6.43 5.64
C SER A 1 19.12 -5.37 6.26
N LYS A 2 19.09 -4.18 5.63
CA LYS A 2 18.25 -3.06 6.11
C LYS A 2 18.07 -2.03 4.96
N PRO A 3 17.25 -2.31 3.95
CA PRO A 3 17.02 -1.36 2.80
C PRO A 3 15.91 -0.36 3.13
N ARG A 4 15.62 0.55 2.19
CA ARG A 4 14.57 1.58 2.40
C ARG A 4 13.18 0.90 2.40
N GLU A 5 12.19 1.50 1.70
CA GLU A 5 10.82 0.94 1.60
C GLU A 5 10.23 0.65 3.01
N TRP A 6 10.05 1.71 3.82
CA TRP A 6 9.54 1.56 5.19
C TRP A 6 8.31 2.44 5.48
N VAL A 7 7.17 1.80 5.80
CA VAL A 7 5.92 2.50 6.15
C VAL A 7 5.63 2.26 7.64
N GLU A 8 5.34 3.34 8.40
CA GLU A 8 5.08 3.23 9.84
C GLU A 8 3.64 3.65 10.19
N ALA A 9 2.81 2.66 10.58
CA ALA A 9 1.40 2.88 10.95
C ALA A 9 1.19 2.30 12.36
N VAL A 10 0.22 2.85 13.11
CA VAL A 10 -0.04 2.45 14.51
C VAL A 10 -0.31 0.94 14.67
N ALA A 11 -1.06 0.34 13.75
CA ALA A 11 -1.37 -1.10 13.84
C ALA A 11 -0.40 -1.95 13.01
N TYR A 12 0.17 -1.34 11.96
CA TYR A 12 1.14 -2.02 11.07
C TYR A 12 2.51 -1.33 11.10
N VAL A 13 3.58 -2.10 11.38
CA VAL A 13 4.95 -1.58 11.39
C VAL A 13 5.81 -2.56 10.58
N GLY A 14 6.42 -2.08 9.49
CA GLY A 14 7.25 -2.92 8.62
C GLY A 14 7.18 -2.44 7.17
N PRO A 15 7.78 -3.15 6.22
CA PRO A 15 7.75 -2.75 4.75
C PRO A 15 6.35 -2.87 4.14
N ASP A 16 6.11 -2.10 3.09
CA ASP A 16 4.83 -2.06 2.35
C ASP A 16 4.51 -3.39 1.66
N ARG A 17 3.29 -3.89 1.92
CA ARG A 17 2.82 -5.16 1.35
C ARG A 17 2.35 -4.97 -0.11
N ARG A 18 2.43 -3.72 -0.61
CA ARG A 18 2.02 -3.39 -2.00
C ARG A 18 3.22 -3.47 -2.95
N ARG A 19 3.01 -4.15 -4.08
CA ARG A 19 4.05 -4.34 -5.11
C ARG A 19 3.38 -4.60 -6.46
N PHE A 20 2.06 -4.85 -6.43
CA PHE A 20 1.23 -5.07 -7.64
C PHE A 20 0.21 -3.94 -7.74
N ASN A 21 -0.18 -3.53 -8.97
CA ASN A 21 -1.18 -2.49 -9.17
C ASN A 21 -1.97 -2.83 -10.44
N SER A 22 -3.29 -3.08 -10.30
CA SER A 22 -4.16 -3.42 -11.44
C SER A 22 -5.10 -2.26 -11.77
N ALA A 23 -4.94 -1.53 -12.89
CA ALA A 23 -5.86 -0.41 -13.21
C ALA A 23 -7.22 -0.95 -13.69
N ASP A 24 -7.25 -2.25 -13.97
CA ASP A 24 -8.45 -2.97 -14.44
C ASP A 24 -9.01 -3.82 -13.30
N TYR A 25 -8.85 -3.33 -12.06
CA TYR A 25 -9.31 -4.07 -10.86
C TYR A 25 -10.85 -4.12 -10.76
N LYS A 26 -11.41 -5.34 -10.77
CA LYS A 26 -12.86 -5.54 -10.64
C LYS A 26 -13.16 -6.01 -9.20
N GLY A 27 -13.60 -5.08 -8.34
CA GLY A 27 -13.89 -5.37 -6.94
C GLY A 27 -13.90 -4.08 -6.10
N PRO A 28 -14.15 -4.16 -4.79
CA PRO A 28 -14.18 -2.93 -3.90
C PRO A 28 -12.78 -2.36 -3.64
N ARG A 29 -12.66 -1.03 -3.75
CA ARG A 29 -11.38 -0.29 -3.53
C ARG A 29 -11.37 0.24 -2.09
N LYS A 30 -10.20 0.20 -1.39
CA LYS A 30 -10.11 0.70 0.01
C LYS A 30 -8.77 1.41 0.30
N ARG A 31 -8.00 1.76 -0.74
CA ARG A 31 -6.70 2.44 -0.56
C ARG A 31 -6.83 3.96 -0.64
N LYS A 32 -6.19 4.65 0.30
CA LYS A 32 -6.20 6.13 0.37
C LYS A 32 -5.63 6.76 -0.92
N ALA A 33 -4.68 6.06 -1.55
CA ALA A 33 -4.00 6.56 -2.77
C ALA A 33 -4.89 6.43 -4.02
N ASP A 34 -6.08 5.83 -3.85
CA ASP A 34 -7.04 5.67 -4.94
C ASP A 34 -7.94 6.92 -5.04
N ALA A 35 -7.62 7.92 -4.21
CA ALA A 35 -8.36 9.20 -4.17
C ALA A 35 -7.60 10.24 -5.01
N SER A 36 -8.33 10.95 -5.89
CA SER A 36 -7.76 11.98 -6.77
C SER A 36 -7.27 13.19 -5.95
N SER A 1 21.29 -2.72 2.18
CA SER A 1 20.98 -1.57 3.09
C SER A 1 19.48 -1.27 3.02
N LYS A 2 18.99 -0.47 3.98
CA LYS A 2 17.57 -0.08 4.04
C LYS A 2 17.21 0.78 2.79
N PRO A 3 16.26 0.37 1.93
CA PRO A 3 15.90 1.18 0.71
C PRO A 3 14.99 2.37 1.07
N ARG A 4 13.82 2.47 0.41
CA ARG A 4 12.85 3.55 0.64
C ARG A 4 11.42 3.00 0.44
N GLU A 5 11.19 1.83 1.08
CA GLU A 5 9.89 1.12 1.02
C GLU A 5 9.37 0.89 2.45
N TRP A 6 9.46 1.92 3.30
CA TRP A 6 9.04 1.83 4.72
C TRP A 6 7.84 2.74 5.01
N VAL A 7 6.73 2.11 5.46
CA VAL A 7 5.50 2.82 5.82
C VAL A 7 5.25 2.63 7.33
N GLU A 8 5.00 3.72 8.07
CA GLU A 8 4.76 3.66 9.52
C GLU A 8 3.32 4.12 9.83
N ALA A 9 2.47 3.17 10.24
CA ALA A 9 1.06 3.43 10.60
C ALA A 9 0.83 2.93 12.02
N VAL A 10 -0.16 3.51 12.72
CA VAL A 10 -0.45 3.18 14.12
C VAL A 10 -0.70 1.68 14.36
N ALA A 11 -1.37 1.00 13.43
CA ALA A 11 -1.67 -0.43 13.61
C ALA A 11 -0.68 -1.31 12.83
N TYR A 12 -0.10 -0.75 11.76
CA TYR A 12 0.89 -1.46 10.92
C TYR A 12 2.25 -0.77 10.93
N VAL A 13 3.32 -1.54 11.22
CA VAL A 13 4.71 -1.02 11.20
C VAL A 13 5.56 -2.04 10.45
N GLY A 14 6.18 -1.63 9.34
CA GLY A 14 7.03 -2.52 8.53
C GLY A 14 6.96 -2.15 7.04
N PRO A 15 7.64 -2.90 6.17
CA PRO A 15 7.63 -2.63 4.69
C PRO A 15 6.22 -2.70 4.07
N ASP A 16 6.03 -1.97 2.98
CA ASP A 16 4.76 -1.90 2.23
C ASP A 16 4.41 -3.26 1.59
N ARG A 17 3.20 -3.73 1.90
CA ARG A 17 2.70 -5.01 1.38
C ARG A 17 2.25 -4.89 -0.10
N ARG A 18 2.36 -3.66 -0.65
CA ARG A 18 1.97 -3.37 -2.04
C ARG A 18 3.19 -3.47 -2.99
N ARG A 19 3.01 -4.16 -4.12
CA ARG A 19 4.06 -4.36 -5.12
C ARG A 19 3.40 -4.63 -6.50
N PHE A 20 2.08 -4.86 -6.49
CA PHE A 20 1.28 -5.09 -7.70
C PHE A 20 0.30 -3.93 -7.88
N ASN A 21 -0.04 -3.56 -9.14
CA ASN A 21 -1.00 -2.48 -9.40
C ASN A 21 -1.85 -2.90 -10.60
N SER A 22 -3.17 -3.08 -10.39
CA SER A 22 -4.09 -3.50 -11.46
C SER A 22 -5.01 -2.34 -11.86
N ALA A 23 -4.82 -1.65 -13.00
CA ALA A 23 -5.71 -0.53 -13.38
C ALA A 23 -7.07 -1.05 -13.86
N ASP A 24 -7.12 -2.37 -14.09
CA ASP A 24 -8.32 -3.10 -14.56
C ASP A 24 -8.92 -3.90 -13.40
N TYR A 25 -8.78 -3.37 -12.16
CA TYR A 25 -9.25 -4.08 -10.95
C TYR A 25 -10.79 -4.10 -10.86
N LYS A 26 -11.36 -5.33 -10.85
CA LYS A 26 -12.81 -5.52 -10.71
C LYS A 26 -13.10 -5.98 -9.27
N GLY A 27 -13.53 -5.04 -8.41
CA GLY A 27 -13.82 -5.34 -7.00
C GLY A 27 -13.84 -4.04 -6.17
N PRO A 28 -14.14 -4.12 -4.87
CA PRO A 28 -14.19 -2.90 -3.99
C PRO A 28 -12.77 -2.35 -3.68
N ARG A 29 -12.62 -1.02 -3.79
CA ARG A 29 -11.35 -0.31 -3.55
C ARG A 29 -11.37 0.26 -2.12
N LYS A 30 -10.23 0.23 -1.39
CA LYS A 30 -10.19 0.74 0.01
C LYS A 30 -8.84 1.43 0.32
N ARG A 31 -8.03 1.76 -0.71
CA ARG A 31 -6.73 2.41 -0.50
C ARG A 31 -6.83 3.94 -0.60
N LYS A 32 -6.22 4.64 0.36
CA LYS A 32 -6.20 6.11 0.40
C LYS A 32 -5.57 6.70 -0.87
N ALA A 33 -4.63 5.95 -1.46
CA ALA A 33 -3.89 6.39 -2.66
C ALA A 33 -4.72 6.27 -3.93
N ASP A 34 -5.94 5.72 -3.81
CA ASP A 34 -6.87 5.56 -4.95
C ASP A 34 -7.76 6.81 -5.06
N ALA A 35 -7.47 7.79 -4.20
CA ALA A 35 -8.19 9.08 -4.16
C ALA A 35 -7.42 10.14 -4.94
N SER A 36 -8.14 10.88 -5.80
CA SER A 36 -7.55 11.95 -6.63
C SER A 36 -6.33 11.45 -7.44
N SER A 1 19.55 -7.30 4.44
CA SER A 1 19.27 -7.29 5.91
C SER A 1 18.89 -5.88 6.36
N LYS A 2 18.76 -4.96 5.39
CA LYS A 2 18.41 -3.56 5.68
C LYS A 2 17.99 -2.83 4.38
N PRO A 3 16.95 -3.29 3.69
CA PRO A 3 16.47 -2.65 2.42
C PRO A 3 15.57 -1.44 2.73
N ARG A 4 15.40 -0.54 1.74
CA ARG A 4 14.57 0.66 1.91
C ARG A 4 13.07 0.24 1.99
N GLU A 5 12.18 1.01 1.33
CA GLU A 5 10.74 0.70 1.31
C GLU A 5 10.18 0.52 2.74
N TRP A 6 10.03 1.63 3.50
CA TRP A 6 9.55 1.54 4.90
C TRP A 6 8.34 2.45 5.18
N VAL A 7 7.21 1.83 5.59
CA VAL A 7 5.98 2.55 5.93
C VAL A 7 5.68 2.36 7.43
N GLU A 8 5.39 3.46 8.15
CA GLU A 8 5.10 3.39 9.60
C GLU A 8 3.65 3.84 9.89
N ALA A 9 2.79 2.87 10.26
CA ALA A 9 1.37 3.13 10.58
C ALA A 9 1.10 2.58 11.99
N VAL A 10 0.10 3.15 12.69
CA VAL A 10 -0.21 2.79 14.08
C VAL A 10 -0.47 1.29 14.29
N ALA A 11 -1.14 0.63 13.34
CA ALA A 11 -1.45 -0.80 13.49
C ALA A 11 -0.45 -1.67 12.72
N TYR A 12 0.16 -1.09 11.66
CA TYR A 12 1.15 -1.79 10.83
C TYR A 12 2.52 -1.09 10.86
N VAL A 13 3.59 -1.85 11.17
CA VAL A 13 4.96 -1.33 11.17
C VAL A 13 5.83 -2.35 10.44
N GLY A 14 6.46 -1.93 9.34
CA GLY A 14 7.32 -2.80 8.52
C GLY A 14 7.23 -2.42 7.04
N PRO A 15 7.89 -3.16 6.15
CA PRO A 15 7.84 -2.87 4.67
C PRO A 15 6.41 -2.96 4.09
N ASP A 16 6.19 -2.18 3.03
CA ASP A 16 4.90 -2.12 2.31
C ASP A 16 4.55 -3.46 1.65
N ARG A 17 3.33 -3.94 1.92
CA ARG A 17 2.83 -5.22 1.37
C ARG A 17 2.38 -5.05 -0.10
N ARG A 18 2.49 -3.81 -0.62
CA ARG A 18 2.11 -3.47 -2.01
C ARG A 18 3.35 -3.52 -2.94
N ARG A 19 3.19 -4.20 -4.07
CA ARG A 19 4.24 -4.35 -5.10
C ARG A 19 3.59 -4.63 -6.47
N PHE A 20 2.27 -4.84 -6.44
CA PHE A 20 1.46 -5.08 -7.65
C PHE A 20 0.49 -3.90 -7.81
N ASN A 21 0.14 -3.53 -9.06
CA ASN A 21 -0.80 -2.43 -9.31
C ASN A 21 -1.69 -2.85 -10.49
N SER A 22 -3.01 -3.01 -10.25
CA SER A 22 -3.97 -3.41 -11.28
C SER A 22 -4.87 -2.23 -11.67
N ALA A 23 -4.69 -1.56 -12.83
CA ALA A 23 -5.57 -0.43 -13.20
C ALA A 23 -6.95 -0.94 -13.66
N ASP A 24 -7.02 -2.26 -13.87
CA ASP A 24 -8.24 -2.95 -14.32
C ASP A 24 -8.84 -3.77 -13.15
N TYR A 25 -8.68 -3.26 -11.92
CA TYR A 25 -9.16 -3.97 -10.72
C TYR A 25 -10.70 -4.03 -10.67
N LYS A 26 -11.25 -5.25 -10.62
CA LYS A 26 -12.70 -5.48 -10.54
C LYS A 26 -13.08 -5.89 -9.10
N GLY A 27 -13.58 -4.92 -8.30
CA GLY A 27 -13.99 -5.17 -6.91
C GLY A 27 -13.90 -3.90 -6.06
N PRO A 28 -14.44 -3.89 -4.82
CA PRO A 28 -14.39 -2.68 -3.92
C PRO A 28 -12.95 -2.21 -3.64
N ARG A 29 -12.73 -0.89 -3.76
CA ARG A 29 -11.42 -0.24 -3.53
C ARG A 29 -11.40 0.34 -2.09
N LYS A 30 -10.26 0.27 -1.37
CA LYS A 30 -10.17 0.79 0.02
C LYS A 30 -8.83 1.49 0.32
N ARG A 31 -8.04 1.81 -0.72
CA ARG A 31 -6.74 2.50 -0.52
C ARG A 31 -6.89 4.03 -0.63
N LYS A 32 -6.28 4.73 0.34
CA LYS A 32 -6.31 6.20 0.38
C LYS A 32 -5.74 6.82 -0.91
N ALA A 33 -4.78 6.10 -1.53
CA ALA A 33 -4.09 6.56 -2.75
C ALA A 33 -4.95 6.38 -4.01
N ASP A 34 -6.14 5.80 -3.85
CA ASP A 34 -7.09 5.58 -4.96
C ASP A 34 -7.98 6.82 -5.14
N ALA A 35 -7.69 7.87 -4.36
CA ALA A 35 -8.42 9.15 -4.43
C ALA A 35 -7.64 10.11 -5.33
N SER A 36 -8.34 10.71 -6.31
CA SER A 36 -7.73 11.66 -7.26
C SER A 36 -8.82 12.43 -8.01
N SER A 1 13.49 4.08 13.65
CA SER A 1 13.94 4.75 12.40
C SER A 1 12.88 4.54 11.30
N LYS A 2 13.16 5.08 10.11
CA LYS A 2 12.24 4.97 8.96
C LYS A 2 12.99 5.37 7.65
N PRO A 3 13.98 4.57 7.22
CA PRO A 3 14.79 4.89 5.98
C PRO A 3 14.06 4.46 4.68
N ARG A 4 14.70 3.58 3.89
CA ARG A 4 14.19 3.11 2.59
C ARG A 4 13.20 1.93 2.71
N GLU A 5 12.02 2.10 2.08
CA GLU A 5 10.95 1.07 2.02
C GLU A 5 10.39 0.73 3.41
N TRP A 6 10.10 1.77 4.22
CA TRP A 6 9.54 1.59 5.57
C TRP A 6 8.27 2.44 5.76
N VAL A 7 7.12 1.78 6.01
CA VAL A 7 5.84 2.47 6.27
C VAL A 7 5.48 2.24 7.75
N GLU A 8 5.16 3.33 8.48
CA GLU A 8 4.84 3.22 9.91
C GLU A 8 3.38 3.64 10.17
N ALA A 9 2.54 2.64 10.49
CA ALA A 9 1.11 2.85 10.80
C ALA A 9 0.85 2.26 12.20
N VAL A 10 -0.15 2.81 12.92
CA VAL A 10 -0.45 2.38 14.30
C VAL A 10 -0.71 0.88 14.46
N ALA A 11 -1.42 0.26 13.51
CA ALA A 11 -1.73 -1.18 13.60
C ALA A 11 -0.73 -2.02 12.81
N TYR A 12 -0.11 -1.42 11.78
CA TYR A 12 0.89 -2.11 10.94
C TYR A 12 2.27 -1.42 11.02
N VAL A 13 3.32 -2.19 11.35
CA VAL A 13 4.69 -1.66 11.42
C VAL A 13 5.60 -2.62 10.61
N GLY A 14 6.24 -2.09 9.56
CA GLY A 14 7.14 -2.90 8.71
C GLY A 14 7.04 -2.45 7.24
N PRO A 15 7.75 -3.12 6.31
CA PRO A 15 7.72 -2.77 4.84
C PRO A 15 6.31 -2.87 4.22
N ASP A 16 6.11 -2.10 3.15
CA ASP A 16 4.85 -2.03 2.39
C ASP A 16 4.52 -3.35 1.69
N ARG A 17 3.29 -3.85 1.91
CA ARG A 17 2.81 -5.10 1.30
C ARG A 17 2.34 -4.88 -0.14
N ARG A 18 2.42 -3.62 -0.61
CA ARG A 18 2.00 -3.25 -1.98
C ARG A 18 3.19 -3.28 -2.95
N ARG A 19 3.00 -3.98 -4.08
CA ARG A 19 4.01 -4.13 -5.13
C ARG A 19 3.33 -4.42 -6.47
N PHE A 20 2.01 -4.69 -6.41
CA PHE A 20 1.18 -4.96 -7.60
C PHE A 20 0.15 -3.83 -7.74
N ASN A 21 -0.25 -3.48 -8.99
CA ASN A 21 -1.27 -2.43 -9.19
C ASN A 21 -2.08 -2.84 -10.43
N SER A 22 -3.39 -3.06 -10.25
CA SER A 22 -4.30 -3.46 -11.35
C SER A 22 -5.23 -2.29 -11.69
N ALA A 23 -5.05 -1.58 -12.82
CA ALA A 23 -5.94 -0.44 -13.14
C ALA A 23 -7.32 -0.94 -13.60
N ASP A 24 -7.40 -2.25 -13.88
CA ASP A 24 -8.62 -2.93 -14.34
C ASP A 24 -9.24 -3.73 -13.18
N TYR A 25 -9.04 -3.27 -11.94
CA TYR A 25 -9.54 -3.98 -10.75
C TYR A 25 -11.08 -3.89 -10.65
N LYS A 26 -11.76 -5.05 -10.70
CA LYS A 26 -13.23 -5.12 -10.59
C LYS A 26 -13.61 -5.61 -9.18
N GLY A 27 -13.98 -4.64 -8.32
CA GLY A 27 -14.39 -4.94 -6.93
C GLY A 27 -14.23 -3.70 -6.04
N PRO A 28 -14.74 -3.70 -4.80
CA PRO A 28 -14.63 -2.50 -3.87
C PRO A 28 -13.15 -2.08 -3.62
N ARG A 29 -12.91 -0.76 -3.73
CA ARG A 29 -11.58 -0.15 -3.50
C ARG A 29 -11.51 0.37 -2.05
N LYS A 30 -10.34 0.24 -1.36
CA LYS A 30 -10.21 0.70 0.04
C LYS A 30 -8.84 1.36 0.33
N ARG A 31 -8.08 1.70 -0.72
CA ARG A 31 -6.75 2.34 -0.54
C ARG A 31 -6.83 3.86 -0.64
N LYS A 32 -6.16 4.54 0.30
CA LYS A 32 -6.10 6.01 0.35
C LYS A 32 -5.49 6.61 -0.94
N ALA A 33 -4.56 5.85 -1.56
CA ALA A 33 -3.86 6.31 -2.78
C ALA A 33 -4.73 6.19 -4.04
N ASP A 34 -5.95 5.65 -3.87
CA ASP A 34 -6.91 5.51 -4.98
C ASP A 34 -7.74 6.79 -5.11
N ALA A 35 -7.37 7.80 -4.28
CA ALA A 35 -8.03 9.11 -4.29
C ALA A 35 -7.20 10.06 -5.17
N SER A 36 -7.87 10.77 -6.09
CA SER A 36 -7.21 11.71 -7.00
C SER A 36 -6.68 12.94 -6.24
N SER A 1 13.17 10.82 9.46
CA SER A 1 14.16 9.89 8.86
C SER A 1 13.50 9.15 7.68
N LYS A 2 12.46 8.36 7.98
CA LYS A 2 11.72 7.59 6.96
C LYS A 2 12.67 6.72 6.09
N PRO A 3 13.17 5.58 6.58
CA PRO A 3 14.09 4.69 5.79
C PRO A 3 13.48 4.28 4.44
N ARG A 4 14.30 3.63 3.60
CA ARG A 4 13.89 3.18 2.26
C ARG A 4 12.88 2.02 2.33
N GLU A 5 11.71 2.21 1.67
CA GLU A 5 10.63 1.20 1.61
C GLU A 5 10.08 0.87 3.02
N TRP A 6 9.86 1.92 3.83
CA TRP A 6 9.36 1.74 5.21
C TRP A 6 8.10 2.60 5.47
N VAL A 7 6.98 1.93 5.80
CA VAL A 7 5.71 2.61 6.13
C VAL A 7 5.43 2.37 7.63
N GLU A 8 5.14 3.45 8.38
CA GLU A 8 4.87 3.35 9.82
C GLU A 8 3.43 3.79 10.14
N ALA A 9 2.59 2.80 10.50
CA ALA A 9 1.18 3.04 10.85
C ALA A 9 0.94 2.47 12.26
N VAL A 10 -0.05 3.04 12.97
CA VAL A 10 -0.34 2.65 14.36
C VAL A 10 -0.60 1.13 14.54
N ALA A 11 -1.30 0.50 13.59
CA ALA A 11 -1.60 -0.94 13.71
C ALA A 11 -0.61 -1.79 12.90
N TYR A 12 -0.02 -1.18 11.85
CA TYR A 12 0.96 -1.86 10.98
C TYR A 12 2.33 -1.18 11.03
N VAL A 13 3.39 -1.95 11.32
CA VAL A 13 4.77 -1.44 11.34
C VAL A 13 5.64 -2.42 10.55
N GLY A 14 6.27 -1.94 9.47
CA GLY A 14 7.11 -2.79 8.62
C GLY A 14 7.05 -2.31 7.15
N PRO A 15 7.69 -3.01 6.22
CA PRO A 15 7.69 -2.62 4.76
C PRO A 15 6.29 -2.77 4.13
N ASP A 16 6.08 -2.02 3.03
CA ASP A 16 4.82 -2.00 2.28
C ASP A 16 4.50 -3.35 1.62
N ARG A 17 3.30 -3.85 1.91
CA ARG A 17 2.83 -5.14 1.37
C ARG A 17 2.36 -4.99 -0.10
N ARG A 18 2.44 -3.76 -0.63
CA ARG A 18 2.04 -3.45 -2.03
C ARG A 18 3.25 -3.54 -2.97
N ARG A 19 3.07 -4.30 -4.07
CA ARG A 19 4.11 -4.50 -5.11
C ARG A 19 3.42 -4.71 -6.46
N PHE A 20 2.09 -4.93 -6.42
CA PHE A 20 1.26 -5.15 -7.61
C PHE A 20 0.27 -3.98 -7.73
N ASN A 21 -0.10 -3.59 -8.97
CA ASN A 21 -1.08 -2.51 -9.17
C ASN A 21 -1.90 -2.87 -10.43
N SER A 22 -3.22 -3.08 -10.27
CA SER A 22 -4.10 -3.44 -11.39
C SER A 22 -5.03 -2.26 -11.73
N ALA A 23 -4.84 -1.54 -12.85
CA ALA A 23 -5.74 -0.40 -13.19
C ALA A 23 -7.10 -0.93 -13.67
N ASP A 24 -7.14 -2.24 -13.94
CA ASP A 24 -8.33 -2.96 -14.40
C ASP A 24 -8.92 -3.80 -13.25
N TYR A 25 -8.78 -3.29 -12.01
CA TYR A 25 -9.24 -4.02 -10.82
C TYR A 25 -10.78 -4.08 -10.75
N LYS A 26 -11.33 -5.30 -10.75
CA LYS A 26 -12.79 -5.52 -10.65
C LYS A 26 -13.12 -5.98 -9.22
N GLY A 27 -13.57 -5.05 -8.38
CA GLY A 27 -13.91 -5.34 -6.98
C GLY A 27 -13.91 -4.04 -6.14
N PRO A 28 -14.17 -4.11 -4.84
CA PRO A 28 -14.19 -2.88 -3.95
C PRO A 28 -12.77 -2.34 -3.68
N ARG A 29 -12.61 -1.01 -3.80
CA ARG A 29 -11.33 -0.31 -3.57
C ARG A 29 -11.33 0.24 -2.13
N LYS A 30 -10.18 0.20 -1.41
CA LYS A 30 -10.12 0.69 -0.01
C LYS A 30 -8.79 1.41 0.30
N ARG A 31 -8.01 1.78 -0.73
CA ARG A 31 -6.72 2.47 -0.51
C ARG A 31 -6.87 4.00 -0.62
N LYS A 32 -6.25 4.70 0.34
CA LYS A 32 -6.28 6.17 0.41
C LYS A 32 -5.70 6.81 -0.88
N ALA A 33 -4.72 6.12 -1.49
CA ALA A 33 -4.02 6.61 -2.69
C ALA A 33 -4.88 6.46 -3.96
N ASP A 34 -6.07 5.85 -3.81
CA ASP A 34 -7.01 5.66 -4.94
C ASP A 34 -7.95 6.88 -5.05
N ALA A 35 -7.69 7.89 -4.20
CA ALA A 35 -8.47 9.13 -4.17
C ALA A 35 -7.76 10.20 -5.01
N SER A 36 -8.53 10.89 -5.86
CA SER A 36 -8.01 11.95 -6.74
C SER A 36 -9.15 12.85 -7.23
N SER A 1 21.99 -1.12 7.99
CA SER A 1 22.17 -2.35 7.17
C SER A 1 20.83 -2.75 6.53
N LYS A 2 19.73 -2.34 7.16
CA LYS A 2 18.37 -2.64 6.67
C LYS A 2 18.09 -1.86 5.35
N PRO A 3 17.27 -2.38 4.41
CA PRO A 3 16.96 -1.65 3.14
C PRO A 3 15.91 -0.56 3.38
N ARG A 4 15.69 0.30 2.37
CA ARG A 4 14.70 1.40 2.50
C ARG A 4 13.27 0.81 2.45
N GLU A 5 12.36 1.43 1.66
CA GLU A 5 10.97 0.95 1.54
C GLU A 5 10.33 0.75 2.93
N TRP A 6 10.13 1.85 3.66
CA TRP A 6 9.58 1.79 5.04
C TRP A 6 8.35 2.68 5.25
N VAL A 7 7.21 2.06 5.62
CA VAL A 7 5.95 2.77 5.90
C VAL A 7 5.63 2.60 7.40
N GLU A 8 5.28 3.71 8.10
CA GLU A 8 4.96 3.66 9.54
C GLU A 8 3.49 4.06 9.80
N ALA A 9 2.67 3.07 10.18
CA ALA A 9 1.25 3.28 10.49
C ALA A 9 1.01 2.77 11.92
N VAL A 10 -0.01 3.33 12.61
CA VAL A 10 -0.29 2.99 14.01
C VAL A 10 -0.50 1.48 14.26
N ALA A 11 -1.17 0.79 13.34
CA ALA A 11 -1.43 -0.65 13.52
C ALA A 11 -0.41 -1.51 12.75
N TYR A 12 0.16 -0.92 11.68
CA TYR A 12 1.17 -1.62 10.85
C TYR A 12 2.52 -0.89 10.87
N VAL A 13 3.59 -1.62 11.21
CA VAL A 13 4.95 -1.08 11.21
C VAL A 13 5.83 -2.10 10.47
N GLY A 14 6.45 -1.67 9.36
CA GLY A 14 7.29 -2.55 8.54
C GLY A 14 7.21 -2.15 7.07
N PRO A 15 7.84 -2.90 6.16
CA PRO A 15 7.80 -2.58 4.69
C PRO A 15 6.40 -2.75 4.08
N ASP A 16 6.16 -2.02 2.99
CA ASP A 16 4.89 -2.01 2.26
C ASP A 16 4.57 -3.37 1.63
N ARG A 17 3.35 -3.86 1.90
CA ARG A 17 2.88 -5.16 1.37
C ARG A 17 2.41 -5.02 -0.09
N ARG A 18 2.47 -3.78 -0.62
CA ARG A 18 2.05 -3.48 -2.01
C ARG A 18 3.27 -3.53 -2.95
N ARG A 19 3.10 -4.24 -4.08
CA ARG A 19 4.14 -4.39 -5.10
C ARG A 19 3.50 -4.71 -6.46
N PHE A 20 2.19 -4.99 -6.45
CA PHE A 20 1.41 -5.28 -7.67
C PHE A 20 0.37 -4.16 -7.86
N ASN A 21 0.49 -3.32 -8.91
CA ASN A 21 -0.49 -2.25 -9.16
C ASN A 21 -1.38 -2.73 -10.31
N SER A 22 -2.68 -2.91 -10.07
CA SER A 22 -3.62 -3.37 -11.12
C SER A 22 -4.55 -2.22 -11.52
N ALA A 23 -4.36 -1.55 -12.67
CA ALA A 23 -5.26 -0.44 -13.06
C ALA A 23 -6.62 -1.00 -13.55
N ASP A 24 -6.63 -2.33 -13.76
CA ASP A 24 -7.81 -3.06 -14.26
C ASP A 24 -8.45 -3.88 -13.12
N TYR A 25 -8.34 -3.38 -11.88
CA TYR A 25 -8.89 -4.08 -10.71
C TYR A 25 -10.43 -3.99 -10.67
N LYS A 26 -11.11 -5.16 -10.73
CA LYS A 26 -12.58 -5.22 -10.69
C LYS A 26 -13.06 -5.68 -9.30
N GLY A 27 -13.49 -4.70 -8.47
CA GLY A 27 -13.98 -4.98 -7.11
C GLY A 27 -13.94 -3.69 -6.27
N PRO A 28 -14.35 -3.71 -5.00
CA PRO A 28 -14.32 -2.48 -4.12
C PRO A 28 -12.88 -2.02 -3.79
N ARG A 29 -12.63 -0.69 -3.91
CA ARG A 29 -11.32 -0.08 -3.60
C ARG A 29 -11.35 0.40 -2.14
N LYS A 30 -10.22 0.26 -1.38
CA LYS A 30 -10.19 0.71 0.04
C LYS A 30 -8.86 1.42 0.37
N ARG A 31 -8.05 1.75 -0.66
CA ARG A 31 -6.75 2.43 -0.45
C ARG A 31 -6.90 3.95 -0.58
N LYS A 32 -6.32 4.69 0.36
CA LYS A 32 -6.34 6.16 0.38
C LYS A 32 -5.76 6.77 -0.91
N ALA A 33 -4.77 6.06 -1.49
CA ALA A 33 -4.06 6.52 -2.71
C ALA A 33 -4.90 6.33 -3.98
N ASP A 34 -6.10 5.75 -3.83
CA ASP A 34 -7.03 5.53 -4.94
C ASP A 34 -7.91 6.77 -5.16
N ALA A 35 -7.62 7.83 -4.38
CA ALA A 35 -8.34 9.11 -4.47
C ALA A 35 -7.55 10.06 -5.39
N SER A 36 -8.25 10.67 -6.36
CA SER A 36 -7.63 11.59 -7.33
C SER A 36 -6.86 12.73 -6.62
N SER A 1 20.22 -5.91 2.23
CA SER A 1 19.01 -6.10 3.08
C SER A 1 18.66 -4.78 3.77
N LYS A 2 17.48 -4.73 4.39
CA LYS A 2 16.99 -3.53 5.11
C LYS A 2 16.97 -2.29 4.18
N PRO A 3 16.22 -2.31 3.08
CA PRO A 3 16.13 -1.15 2.13
C PRO A 3 15.02 -0.17 2.56
N ARG A 4 14.78 0.84 1.72
CA ARG A 4 13.74 1.85 1.99
C ARG A 4 12.34 1.17 1.94
N GLU A 5 11.33 1.81 1.32
CA GLU A 5 9.96 1.21 1.25
C GLU A 5 9.43 0.90 2.66
N TRP A 6 9.45 1.89 3.57
CA TRP A 6 9.01 1.68 4.97
C TRP A 6 7.79 2.51 5.36
N VAL A 7 6.73 1.82 5.80
CA VAL A 7 5.47 2.45 6.24
C VAL A 7 5.24 2.12 7.73
N GLU A 8 5.00 3.16 8.55
CA GLU A 8 4.77 2.97 10.00
C GLU A 8 3.34 3.43 10.38
N ALA A 9 2.50 2.45 10.75
CA ALA A 9 1.10 2.69 11.16
C ALA A 9 0.89 2.07 12.55
N VAL A 10 -0.10 2.57 13.29
CA VAL A 10 -0.37 2.13 14.67
C VAL A 10 -0.58 0.62 14.81
N ALA A 11 -1.31 0.00 13.87
CA ALA A 11 -1.57 -1.44 13.96
C ALA A 11 -0.58 -2.24 13.11
N TYR A 12 -0.02 -1.59 12.07
CA TYR A 12 0.96 -2.22 11.16
C TYR A 12 2.32 -1.50 11.19
N VAL A 13 3.40 -2.27 11.41
CA VAL A 13 4.77 -1.72 11.40
C VAL A 13 5.62 -2.70 10.57
N GLY A 14 6.21 -2.21 9.47
CA GLY A 14 7.03 -3.06 8.60
C GLY A 14 6.99 -2.53 7.16
N PRO A 15 7.60 -3.25 6.20
CA PRO A 15 7.61 -2.82 4.76
C PRO A 15 6.21 -2.90 4.12
N ASP A 16 6.03 -2.12 3.05
CA ASP A 16 4.76 -2.03 2.30
C ASP A 16 4.43 -3.36 1.61
N ARG A 17 3.25 -3.89 1.93
CA ARG A 17 2.76 -5.15 1.35
C ARG A 17 2.27 -4.95 -0.10
N ARG A 18 2.35 -3.71 -0.59
CA ARG A 18 1.95 -3.35 -1.97
C ARG A 18 3.17 -3.41 -2.91
N ARG A 19 2.98 -4.03 -4.09
CA ARG A 19 4.04 -4.20 -5.09
C ARG A 19 3.43 -4.35 -6.50
N PHE A 20 2.11 -4.61 -6.54
CA PHE A 20 1.36 -4.74 -7.81
C PHE A 20 0.34 -3.60 -7.88
N ASN A 21 0.02 -3.10 -9.10
CA ASN A 21 -0.98 -2.03 -9.28
C ASN A 21 -1.84 -2.40 -10.49
N SER A 22 -3.14 -2.65 -10.27
CA SER A 22 -4.08 -3.02 -11.37
C SER A 22 -5.04 -1.85 -11.67
N ALA A 23 -4.88 -1.08 -12.76
CA ALA A 23 -5.81 0.04 -13.04
C ALA A 23 -7.16 -0.49 -13.57
N ASP A 24 -7.16 -1.78 -13.91
CA ASP A 24 -8.35 -2.49 -14.44
C ASP A 24 -8.95 -3.41 -13.35
N TYR A 25 -8.81 -2.99 -12.08
CA TYR A 25 -9.30 -3.78 -10.95
C TYR A 25 -10.84 -3.71 -10.83
N LYS A 26 -11.50 -4.87 -10.96
CA LYS A 26 -12.96 -4.97 -10.82
C LYS A 26 -13.29 -5.56 -9.44
N GLY A 27 -13.62 -4.68 -8.48
CA GLY A 27 -13.94 -5.10 -7.11
C GLY A 27 -13.96 -3.87 -6.18
N PRO A 28 -14.21 -4.04 -4.89
CA PRO A 28 -14.24 -2.88 -3.92
C PRO A 28 -12.83 -2.34 -3.64
N ARG A 29 -12.69 -1.01 -3.72
CA ARG A 29 -11.42 -0.28 -3.49
C ARG A 29 -11.40 0.23 -2.05
N LYS A 30 -10.23 0.21 -1.36
CA LYS A 30 -10.13 0.67 0.05
C LYS A 30 -8.77 1.35 0.34
N ARG A 31 -8.03 1.75 -0.70
CA ARG A 31 -6.71 2.41 -0.51
C ARG A 31 -6.82 3.94 -0.60
N LYS A 32 -6.14 4.63 0.32
CA LYS A 32 -6.12 6.10 0.36
C LYS A 32 -5.53 6.73 -0.92
N ALA A 33 -4.61 6.00 -1.58
CA ALA A 33 -3.93 6.51 -2.79
C ALA A 33 -4.79 6.36 -4.05
N ASP A 34 -5.98 5.75 -3.91
CA ASP A 34 -6.92 5.57 -5.03
C ASP A 34 -7.86 6.78 -5.10
N ALA A 35 -7.60 7.77 -4.24
CA ALA A 35 -8.38 9.02 -4.18
C ALA A 35 -7.65 10.13 -4.95
N SER A 36 -8.40 10.86 -5.79
CA SER A 36 -7.86 11.96 -6.61
C SER A 36 -6.66 11.50 -7.47
N SER A 1 15.95 -4.05 8.23
CA SER A 1 15.83 -3.11 7.07
C SER A 1 17.22 -2.60 6.69
N LYS A 2 17.29 -1.82 5.59
CA LYS A 2 18.56 -1.26 5.11
C LYS A 2 18.32 -0.09 4.11
N PRO A 3 17.38 -0.18 3.15
CA PRO A 3 17.13 0.90 2.15
C PRO A 3 16.00 1.86 2.60
N ARG A 4 14.87 1.84 1.87
CA ARG A 4 13.70 2.68 2.16
C ARG A 4 12.42 1.81 2.04
N GLU A 5 11.39 2.26 1.31
CA GLU A 5 10.12 1.51 1.17
C GLU A 5 9.51 1.25 2.55
N TRP A 6 9.44 2.31 3.38
CA TRP A 6 8.95 2.19 4.78
C TRP A 6 7.72 3.07 5.05
N VAL A 7 6.62 2.40 5.43
CA VAL A 7 5.35 3.07 5.78
C VAL A 7 5.11 2.83 7.28
N GLU A 8 4.82 3.91 8.03
CA GLU A 8 4.60 3.82 9.49
C GLU A 8 3.15 4.24 9.83
N ALA A 9 2.34 3.26 10.23
CA ALA A 9 0.93 3.48 10.60
C ALA A 9 0.71 2.96 12.03
N VAL A 10 -0.29 3.50 12.73
CA VAL A 10 -0.57 3.15 14.14
C VAL A 10 -0.78 1.65 14.37
N ALA A 11 -1.48 0.97 13.46
CA ALA A 11 -1.75 -0.47 13.62
C ALA A 11 -0.75 -1.33 12.84
N TYR A 12 -0.18 -0.73 11.77
CA TYR A 12 0.81 -1.41 10.92
C TYR A 12 2.17 -0.69 10.94
N VAL A 13 3.24 -1.44 11.21
CA VAL A 13 4.61 -0.92 11.19
C VAL A 13 5.46 -1.91 10.39
N GLY A 14 6.05 -1.44 9.28
CA GLY A 14 6.86 -2.32 8.42
C GLY A 14 6.83 -1.84 6.97
N PRO A 15 7.44 -2.59 6.05
CA PRO A 15 7.46 -2.22 4.59
C PRO A 15 6.08 -2.39 3.94
N ASP A 16 5.92 -1.71 2.80
CA ASP A 16 4.68 -1.73 2.01
C ASP A 16 4.38 -3.12 1.44
N ARG A 17 3.17 -3.61 1.73
CA ARG A 17 2.71 -4.93 1.27
C ARG A 17 2.22 -4.82 -0.19
N ARG A 18 2.27 -3.61 -0.74
CA ARG A 18 1.83 -3.32 -2.13
C ARG A 18 3.04 -3.32 -3.09
N ARG A 19 3.11 -4.39 -3.91
CA ARG A 19 4.18 -4.57 -4.92
C ARG A 19 3.54 -4.93 -6.26
N PHE A 20 2.22 -5.13 -6.24
CA PHE A 20 1.41 -5.44 -7.43
C PHE A 20 0.45 -4.27 -7.68
N ASN A 21 0.12 -3.97 -8.95
CA ASN A 21 -0.83 -2.89 -9.26
C ASN A 21 -1.68 -3.34 -10.45
N SER A 22 -3.01 -3.44 -10.25
CA SER A 22 -3.95 -3.85 -11.30
C SER A 22 -4.77 -2.63 -11.74
N ALA A 23 -4.54 -2.03 -12.93
CA ALA A 23 -5.33 -0.85 -13.35
C ALA A 23 -6.74 -1.27 -13.81
N ASP A 24 -6.93 -2.58 -13.97
CA ASP A 24 -8.20 -3.19 -14.41
C ASP A 24 -8.87 -3.92 -13.23
N TYR A 25 -8.64 -3.43 -11.99
CA TYR A 25 -9.17 -4.11 -10.80
C TYR A 25 -10.71 -4.08 -10.75
N LYS A 26 -11.34 -5.27 -10.78
CA LYS A 26 -12.81 -5.39 -10.69
C LYS A 26 -13.18 -5.82 -9.27
N GLY A 27 -13.59 -4.86 -8.43
CA GLY A 27 -13.96 -5.12 -7.03
C GLY A 27 -13.95 -3.83 -6.21
N PRO A 28 -14.26 -3.88 -4.91
CA PRO A 28 -14.27 -2.66 -4.03
C PRO A 28 -12.85 -2.17 -3.71
N ARG A 29 -12.63 -0.85 -3.86
CA ARG A 29 -11.34 -0.20 -3.59
C ARG A 29 -11.36 0.35 -2.16
N LYS A 30 -10.24 0.24 -1.41
CA LYS A 30 -10.19 0.72 -0.01
C LYS A 30 -8.83 1.39 0.32
N ARG A 31 -8.03 1.71 -0.70
CA ARG A 31 -6.71 2.36 -0.47
C ARG A 31 -6.84 3.89 -0.57
N LYS A 32 -6.28 4.58 0.43
CA LYS A 32 -6.28 6.05 0.49
C LYS A 32 -5.60 6.67 -0.74
N ALA A 33 -4.66 5.91 -1.33
CA ALA A 33 -3.88 6.36 -2.49
C ALA A 33 -4.65 6.21 -3.80
N ASP A 34 -5.86 5.64 -3.75
CA ASP A 34 -6.72 5.47 -4.95
C ASP A 34 -7.59 6.71 -5.14
N ALA A 35 -7.38 7.72 -4.27
CA ALA A 35 -8.10 8.99 -4.33
C ALA A 35 -7.25 10.03 -5.06
N SER A 36 -7.85 10.69 -6.06
CA SER A 36 -7.17 11.72 -6.86
C SER A 36 -8.18 12.53 -7.66
N SER A 1 14.65 -5.89 6.06
CA SER A 1 14.54 -4.69 6.95
C SER A 1 15.82 -3.87 6.84
N LYS A 2 16.74 -4.29 5.95
CA LYS A 2 18.01 -3.60 5.73
C LYS A 2 17.88 -2.42 4.75
N PRO A 3 17.01 -2.48 3.71
CA PRO A 3 16.85 -1.36 2.72
C PRO A 3 15.73 -0.39 3.12
N ARG A 4 15.53 0.65 2.28
CA ARG A 4 14.50 1.68 2.51
C ARG A 4 13.08 1.05 2.39
N GLU A 5 12.14 1.66 1.63
CA GLU A 5 10.76 1.13 1.49
C GLU A 5 10.13 0.87 2.88
N TRP A 6 9.90 1.94 3.67
CA TRP A 6 9.35 1.79 5.04
C TRP A 6 8.09 2.64 5.30
N VAL A 7 6.98 1.96 5.67
CA VAL A 7 5.70 2.62 6.00
C VAL A 7 5.42 2.40 7.50
N GLU A 8 5.11 3.48 8.25
CA GLU A 8 4.85 3.37 9.70
C GLU A 8 3.39 3.77 10.03
N ALA A 9 2.59 2.76 10.41
CA ALA A 9 1.17 2.96 10.78
C ALA A 9 0.97 2.38 12.19
N VAL A 10 -0.02 2.92 12.93
CA VAL A 10 -0.27 2.51 14.33
C VAL A 10 -0.50 1.00 14.50
N ALA A 11 -1.23 0.37 13.58
CA ALA A 11 -1.51 -1.07 13.69
C ALA A 11 -0.52 -1.91 12.87
N TYR A 12 0.06 -1.29 11.82
CA TYR A 12 1.04 -1.96 10.94
C TYR A 12 2.41 -1.24 10.98
N VAL A 13 3.48 -1.99 11.26
CA VAL A 13 4.85 -1.45 11.27
C VAL A 13 5.74 -2.41 10.46
N GLY A 14 6.35 -1.91 9.37
CA GLY A 14 7.22 -2.72 8.52
C GLY A 14 7.10 -2.30 7.04
N PRO A 15 7.80 -2.99 6.13
CA PRO A 15 7.73 -2.66 4.65
C PRO A 15 6.31 -2.79 4.07
N ASP A 16 6.08 -2.04 2.99
CA ASP A 16 4.79 -2.01 2.28
C ASP A 16 4.46 -3.36 1.63
N ARG A 17 3.27 -3.88 1.93
CA ARG A 17 2.79 -5.17 1.38
C ARG A 17 2.35 -5.02 -0.09
N ARG A 18 2.44 -3.79 -0.61
CA ARG A 18 2.04 -3.47 -2.01
C ARG A 18 3.26 -3.50 -2.95
N ARG A 19 3.10 -4.20 -4.08
CA ARG A 19 4.13 -4.31 -5.12
C ARG A 19 3.45 -4.62 -6.46
N PHE A 20 2.13 -4.90 -6.39
CA PHE A 20 1.29 -5.16 -7.57
C PHE A 20 0.26 -4.02 -7.70
N ASN A 21 -0.15 -3.67 -8.93
CA ASN A 21 -1.15 -2.61 -9.12
C ASN A 21 -1.92 -2.94 -10.41
N SER A 22 -3.24 -3.17 -10.30
CA SER A 22 -4.10 -3.49 -11.45
C SER A 22 -5.02 -2.30 -11.78
N ALA A 23 -4.83 -1.58 -12.90
CA ALA A 23 -5.71 -0.42 -13.22
C ALA A 23 -7.09 -0.91 -13.70
N ASP A 24 -7.16 -2.21 -13.98
CA ASP A 24 -8.38 -2.88 -14.47
C ASP A 24 -8.99 -3.73 -13.34
N TYR A 25 -8.81 -3.28 -12.09
CA TYR A 25 -9.29 -4.02 -10.91
C TYR A 25 -10.83 -3.95 -10.78
N LYS A 26 -11.49 -5.11 -10.91
CA LYS A 26 -12.95 -5.21 -10.78
C LYS A 26 -13.28 -5.75 -9.37
N GLY A 27 -13.62 -4.83 -8.45
CA GLY A 27 -13.94 -5.18 -7.06
C GLY A 27 -13.94 -3.92 -6.19
N PRO A 28 -14.20 -4.03 -4.88
CA PRO A 28 -14.23 -2.84 -3.95
C PRO A 28 -12.81 -2.30 -3.67
N ARG A 29 -12.65 -0.96 -3.77
CA ARG A 29 -11.37 -0.28 -3.53
C ARG A 29 -11.35 0.26 -2.09
N LYS A 30 -10.19 0.22 -1.38
CA LYS A 30 -10.12 0.70 0.02
C LYS A 30 -8.77 1.40 0.31
N ARG A 31 -8.01 1.77 -0.72
CA ARG A 31 -6.70 2.45 -0.54
C ARG A 31 -6.85 3.98 -0.62
N LYS A 32 -6.21 4.69 0.33
CA LYS A 32 -6.24 6.16 0.38
C LYS A 32 -5.66 6.79 -0.90
N ALA A 33 -4.71 6.08 -1.53
CA ALA A 33 -4.02 6.56 -2.74
C ALA A 33 -4.89 6.41 -4.00
N ASP A 34 -6.08 5.82 -3.85
CA ASP A 34 -7.04 5.63 -4.95
C ASP A 34 -7.92 6.87 -5.08
N ALA A 35 -7.62 7.89 -4.26
CA ALA A 35 -8.35 9.17 -4.27
C ALA A 35 -7.58 10.18 -5.13
N SER A 36 -8.31 10.83 -6.06
CA SER A 36 -7.73 11.83 -6.99
C SER A 36 -6.54 11.25 -7.77
N SER A 1 21.71 -6.10 4.15
CA SER A 1 21.43 -5.31 5.37
C SER A 1 20.02 -4.71 5.29
N LYS A 2 19.63 -3.97 6.33
CA LYS A 2 18.30 -3.32 6.41
C LYS A 2 18.04 -2.42 5.16
N PRO A 3 17.09 -2.76 4.27
CA PRO A 3 16.80 -1.92 3.06
C PRO A 3 15.79 -0.81 3.36
N ARG A 4 15.58 0.10 2.40
CA ARG A 4 14.63 1.22 2.57
C ARG A 4 13.18 0.66 2.53
N GLU A 5 12.26 1.34 1.81
CA GLU A 5 10.85 0.89 1.68
C GLU A 5 10.21 0.68 3.08
N TRP A 6 10.04 1.78 3.85
CA TRP A 6 9.47 1.68 5.22
C TRP A 6 8.28 2.62 5.44
N VAL A 7 7.10 2.02 5.74
CA VAL A 7 5.86 2.77 6.02
C VAL A 7 5.51 2.57 7.51
N GLU A 8 5.24 3.66 8.24
CA GLU A 8 4.90 3.59 9.68
C GLU A 8 3.47 4.09 9.95
N ALA A 9 2.58 3.14 10.30
CA ALA A 9 1.17 3.43 10.62
C ALA A 9 0.88 2.90 12.04
N VAL A 10 -0.11 3.50 12.73
CA VAL A 10 -0.43 3.14 14.13
C VAL A 10 -0.73 1.65 14.33
N ALA A 11 -1.46 1.02 13.39
CA ALA A 11 -1.82 -0.40 13.53
C ALA A 11 -0.84 -1.30 12.77
N TYR A 12 -0.20 -0.74 11.73
CA TYR A 12 0.78 -1.48 10.92
C TYR A 12 2.18 -0.82 10.98
N VAL A 13 3.20 -1.63 11.29
CA VAL A 13 4.59 -1.15 11.32
C VAL A 13 5.43 -2.19 10.56
N GLY A 14 6.09 -1.74 9.47
CA GLY A 14 6.91 -2.63 8.64
C GLY A 14 6.90 -2.17 7.17
N PRO A 15 7.51 -2.93 6.26
CA PRO A 15 7.55 -2.56 4.79
C PRO A 15 6.17 -2.69 4.13
N ASP A 16 5.99 -1.95 3.02
CA ASP A 16 4.75 -1.92 2.24
C ASP A 16 4.44 -3.28 1.60
N ARG A 17 3.23 -3.78 1.88
CA ARG A 17 2.76 -5.08 1.36
C ARG A 17 2.31 -4.95 -0.12
N ARG A 18 2.39 -3.72 -0.65
CA ARG A 18 2.00 -3.42 -2.06
C ARG A 18 3.23 -3.52 -2.98
N ARG A 19 3.04 -4.21 -4.12
CA ARG A 19 4.08 -4.41 -5.13
C ARG A 19 3.41 -4.66 -6.49
N PHE A 20 2.09 -4.89 -6.47
CA PHE A 20 1.28 -5.11 -7.68
C PHE A 20 0.31 -3.93 -7.83
N ASN A 21 -0.04 -3.55 -9.07
CA ASN A 21 -1.00 -2.46 -9.31
C ASN A 21 -1.82 -2.87 -10.54
N SER A 22 -3.14 -3.07 -10.34
CA SER A 22 -4.04 -3.47 -11.43
C SER A 22 -4.97 -2.31 -11.81
N ALA A 23 -4.78 -1.59 -12.93
CA ALA A 23 -5.68 -0.47 -13.28
C ALA A 23 -7.03 -1.02 -13.78
N ASP A 24 -7.06 -2.33 -14.03
CA ASP A 24 -8.23 -3.06 -14.52
C ASP A 24 -8.83 -3.89 -13.36
N TYR A 25 -8.71 -3.37 -12.12
CA TYR A 25 -9.19 -4.10 -10.93
C TYR A 25 -10.72 -4.13 -10.85
N LYS A 26 -11.28 -5.36 -10.85
CA LYS A 26 -12.73 -5.57 -10.73
C LYS A 26 -13.03 -6.03 -9.29
N GLY A 27 -13.47 -5.09 -8.43
CA GLY A 27 -13.78 -5.39 -7.02
C GLY A 27 -13.80 -4.10 -6.19
N PRO A 28 -14.09 -4.16 -4.89
CA PRO A 28 -14.14 -2.94 -4.00
C PRO A 28 -12.73 -2.39 -3.69
N ARG A 29 -12.59 -1.05 -3.80
CA ARG A 29 -11.32 -0.34 -3.55
C ARG A 29 -11.36 0.23 -2.11
N LYS A 30 -10.21 0.22 -1.38
CA LYS A 30 -10.17 0.74 0.02
C LYS A 30 -8.83 1.44 0.34
N ARG A 31 -8.03 1.78 -0.70
CA ARG A 31 -6.73 2.44 -0.50
C ARG A 31 -6.86 3.97 -0.60
N LYS A 32 -6.25 4.68 0.35
CA LYS A 32 -6.25 6.15 0.40
C LYS A 32 -5.63 6.77 -0.87
N ALA A 33 -4.67 6.04 -1.47
CA ALA A 33 -3.94 6.51 -2.65
C ALA A 33 -4.77 6.36 -3.94
N ASP A 34 -5.97 5.77 -3.81
CA ASP A 34 -6.89 5.58 -4.96
C ASP A 34 -7.82 6.80 -5.08
N ALA A 35 -7.55 7.81 -4.24
CA ALA A 35 -8.33 9.06 -4.24
C ALA A 35 -7.60 10.12 -5.10
N SER A 36 -8.35 10.77 -5.99
CA SER A 36 -7.81 11.81 -6.89
C SER A 36 -7.42 13.07 -6.11
#